data_6AC7
#
_entry.id   6AC7
#
_entity_poly.entity_id   1
_entity_poly.type   'polydeoxyribonucleotide'
_entity_poly.pdbx_seq_one_letter_code
;(DT)(DG)(DG)(DG)(DG)(DT)(DC)(DC)(DG)(DA)(DG)(DG)(DC)(DG)(DG)(DG)(DG)(DC)(DT)(DT)
(DG)(DG)(DG)
;
_entity_poly.pdbx_strand_id   A
#
loop_
_chem_comp.id
_chem_comp.type
_chem_comp.name
_chem_comp.formula
DA DNA linking 2'-DEOXYADENOSINE-5'-MONOPHOSPHATE 'C10 H14 N5 O6 P'
DC DNA linking 2'-DEOXYCYTIDINE-5'-MONOPHOSPHATE 'C9 H14 N3 O7 P'
DG DNA linking 2'-DEOXYGUANOSINE-5'-MONOPHOSPHATE 'C10 H14 N5 O7 P'
DT DNA linking THYMIDINE-5'-MONOPHOSPHATE 'C10 H15 N2 O8 P'
#